data_7WPX
#
_entry.id   7WPX
#
_cell.length_a   60.888
_cell.length_b   71.376
_cell.length_c   120.815
_cell.angle_alpha   90.000
_cell.angle_beta   90.000
_cell.angle_gamma   90.000
#
_symmetry.space_group_name_H-M   'P 21 21 21'
#
loop_
_entity.id
_entity.type
_entity.pdbx_description
1 polymer 'Methionine--tRNA ligase'
2 non-polymer "ADENOSINE-5'-TRIPHOSPHATE"
3 non-polymer 6-chloranylimidazo[2,1-b][1,3]thiazole
4 non-polymer 1,2-ETHANEDIOL
5 water water
#
_entity_poly.entity_id   1
_entity_poly.type   'polypeptide(L)'
_entity_poly.pdbx_seq_one_letter_code
;MGSSHHHHHHSAKETFYITTPIYYPSGNLHIGHAYSTVAGDVIARYKRMQGYDVRYLTGTDEHGQKIQEKAQKAGKTEIE
YLDEMIAGIKQLWAKLEISNDDFIRTTEERHKHVVEQVFERLLKQGDIYLGEYEGWYSVPDETYYTESQLVDPQYENGKI
IGGKSPDSGHEVELVKEESYFFNISKYTDRLLEFYDQNPDFIQPPSRKNEMINNFIKPGLADLAVSRTSFNWGVHVPSNP
KHVVYVWIDALVNYISALGYLSDDESLFNKYWPADIHLMAKEIVRFHSIIWPILLMALDLPLPKKVFAHGWILMKDGKMS
KSKGNVVDPNILIDRYGLDATRYYLMRELPFGSDGVFTPEAFVERTNFDLANDLGNLVNRTISMVNKYFDGELPAYQGPL
HELDEEMEAMALETVKSYTESMESLQFSVALSTVWKFISRTNKYIDETTPWVLAKDDSQKDMLGNVMAHLVENIRYAAVL
LRPFLTHAPKEIFEQLNINNPQFMEFSSLEQYGVLNESIMVTGQPKPIFP
;
_entity_poly.pdbx_strand_id   A
#
# COMPACT_ATOMS: atom_id res chain seq x y z
N ALA A 12 -10.16 -23.85 -5.98
CA ALA A 12 -10.67 -23.18 -7.22
C ALA A 12 -10.07 -21.80 -7.42
N LYS A 13 -10.15 -20.95 -6.38
CA LYS A 13 -9.60 -19.59 -6.43
C LYS A 13 -8.08 -19.59 -6.23
N GLU A 14 -7.38 -18.93 -7.15
CA GLU A 14 -5.93 -18.72 -7.07
C GLU A 14 -5.64 -17.75 -5.92
N THR A 15 -4.60 -18.04 -5.15
CA THR A 15 -4.23 -17.24 -4.00
C THR A 15 -3.46 -15.99 -4.40
N PHE A 16 -3.58 -14.96 -3.55
CA PHE A 16 -2.83 -13.72 -3.73
C PHE A 16 -2.43 -13.20 -2.35
N TYR A 17 -1.12 -13.04 -2.14
CA TYR A 17 -0.59 -12.60 -0.86
C TYR A 17 0.20 -11.31 -1.01
N ILE A 18 -0.22 -10.30 -0.23
CA ILE A 18 0.27 -8.92 -0.32
C ILE A 18 0.60 -8.46 1.10
N THR A 19 1.74 -7.79 1.27
CA THR A 19 2.16 -7.27 2.56
C THR A 19 2.58 -5.82 2.48
N THR A 20 2.34 -5.06 3.56
CA THR A 20 2.95 -3.76 3.77
C THR A 20 4.22 -3.99 4.56
N PRO A 21 5.08 -2.96 4.68
CA PRO A 21 6.15 -3.08 5.66
C PRO A 21 5.60 -3.04 7.07
N ILE A 22 6.31 -3.63 8.02
CA ILE A 22 5.94 -3.50 9.44
C ILE A 22 6.65 -2.26 9.99
N TYR A 23 5.86 -1.23 10.25
CA TYR A 23 6.38 0.11 10.52
C TYR A 23 6.86 0.19 11.96
N TYR A 24 7.94 0.93 12.20
CA TYR A 24 8.41 1.17 13.57
C TYR A 24 7.38 2.04 14.27
N PRO A 25 6.86 1.61 15.44
CA PRO A 25 6.02 2.52 16.23
C PRO A 25 6.89 3.44 17.10
N SER A 26 7.73 4.23 16.42
CA SER A 26 8.69 5.12 17.06
C SER A 26 8.14 6.55 17.17
N GLY A 27 6.84 6.70 16.97
CA GLY A 27 6.18 7.99 16.89
C GLY A 27 4.85 7.80 16.19
N ASN A 28 4.06 8.87 16.12
CA ASN A 28 2.78 8.82 15.43
C ASN A 28 3.00 8.67 13.92
N LEU A 29 2.27 7.73 13.31
CA LEU A 29 2.28 7.55 11.87
C LEU A 29 1.65 8.74 11.16
N HIS A 30 2.15 9.01 9.95
CA HIS A 30 1.77 10.15 9.12
C HIS A 30 1.27 9.62 7.75
N ILE A 31 0.91 10.53 6.85
CA ILE A 31 0.30 10.16 5.56
C ILE A 31 1.15 9.27 4.63
N GLY A 32 2.48 9.36 4.77
CA GLY A 32 3.40 8.40 4.15
C GLY A 32 3.11 6.94 4.49
N HIS A 33 2.84 6.69 5.78
CA HIS A 33 2.48 5.33 6.24
C HIS A 33 1.08 4.94 5.79
N ALA A 34 0.17 5.93 5.81
CA ALA A 34 -1.17 5.75 5.30
C ALA A 34 -1.19 5.45 3.81
N TYR A 35 -0.27 6.04 3.06
CA TYR A 35 -0.16 5.78 1.62
C TYR A 35 0.10 4.30 1.35
N SER A 36 1.18 3.78 1.93
CA SER A 36 1.57 2.37 1.76
C SER A 36 0.45 1.40 2.13
N THR A 37 -0.23 1.67 3.24
CA THR A 37 -1.29 0.80 3.74
C THR A 37 -2.58 0.91 2.92
N VAL A 38 -2.94 2.12 2.50
CA VAL A 38 -4.10 2.30 1.61
C VAL A 38 -3.81 1.70 0.23
N ALA A 39 -2.60 1.91 -0.29
CA ALA A 39 -2.17 1.31 -1.57
C ALA A 39 -2.26 -0.22 -1.54
N GLY A 40 -1.77 -0.81 -0.45
CA GLY A 40 -1.92 -2.24 -0.21
C GLY A 40 -3.37 -2.68 -0.10
N ASP A 41 -4.18 -1.86 0.57
CA ASP A 41 -5.61 -2.11 0.69
C ASP A 41 -6.35 -2.03 -0.64
N VAL A 42 -5.97 -1.06 -1.49
CA VAL A 42 -6.53 -0.93 -2.83
C VAL A 42 -6.24 -2.15 -3.70
N ILE A 43 -5.00 -2.65 -3.64
CA ILE A 43 -4.62 -3.87 -4.37
C ILE A 43 -5.40 -5.08 -3.87
N ALA A 44 -5.52 -5.21 -2.54
CA ALA A 44 -6.25 -6.31 -1.92
C ALA A 44 -7.71 -6.34 -2.37
N ARG A 45 -8.39 -5.20 -2.24
CA ARG A 45 -9.79 -5.06 -2.65
C ARG A 45 -10.01 -5.31 -4.14
N TYR A 46 -9.09 -4.81 -4.96
CA TYR A 46 -9.11 -5.04 -6.40
C TYR A 46 -8.99 -6.53 -6.74
N LYS A 47 -8.05 -7.21 -6.08
CA LYS A 47 -7.80 -8.63 -6.34
C LYS A 47 -8.94 -9.51 -5.84
N ARG A 48 -9.54 -9.16 -4.70
CA ARG A 48 -10.75 -9.84 -4.23
C ARG A 48 -11.90 -9.73 -5.24
N MET A 49 -12.09 -8.54 -5.80
CA MET A 49 -13.11 -8.33 -6.85
C MET A 49 -12.81 -9.05 -8.18
N GLN A 50 -11.53 -9.34 -8.45
CA GLN A 50 -11.14 -10.20 -9.57
C GLN A 50 -11.25 -11.72 -9.29
N GLY A 51 -11.76 -12.07 -8.11
CA GLY A 51 -11.97 -13.47 -7.74
C GLY A 51 -10.73 -14.20 -7.23
N TYR A 52 -9.81 -13.49 -6.58
CA TYR A 52 -8.65 -14.12 -5.95
C TYR A 52 -8.93 -14.38 -4.47
N ASP A 53 -8.30 -15.43 -3.95
CA ASP A 53 -8.27 -15.70 -2.51
C ASP A 53 -7.14 -14.84 -1.93
N VAL A 54 -7.50 -13.70 -1.37
CA VAL A 54 -6.54 -12.68 -0.92
C VAL A 54 -6.23 -12.82 0.56
N ARG A 55 -4.96 -12.68 0.91
CA ARG A 55 -4.55 -12.40 2.28
C ARG A 55 -3.70 -11.14 2.28
N TYR A 56 -4.03 -10.20 3.16
CA TYR A 56 -3.35 -8.91 3.24
C TYR A 56 -2.84 -8.71 4.67
N LEU A 57 -1.51 -8.65 4.82
CA LEU A 57 -0.85 -8.51 6.11
C LEU A 57 -0.27 -7.11 6.30
N THR A 58 -0.40 -6.59 7.52
CA THR A 58 0.35 -5.43 7.98
C THR A 58 0.77 -5.68 9.42
N GLY A 59 1.50 -4.74 10.01
CA GLY A 59 1.97 -4.92 11.38
C GLY A 59 2.94 -3.86 11.87
N THR A 60 3.69 -4.21 12.92
CA THR A 60 4.64 -3.29 13.55
C THR A 60 5.94 -3.96 13.97
N ASP A 61 7.04 -3.25 13.72
CA ASP A 61 8.40 -3.72 14.00
C ASP A 61 8.84 -3.09 15.32
N GLU A 62 8.69 -3.86 16.40
CA GLU A 62 8.71 -3.34 17.77
C GLU A 62 9.97 -3.60 18.57
N HIS A 63 10.97 -4.23 17.95
CA HIS A 63 12.26 -4.48 18.60
C HIS A 63 13.34 -3.56 18.07
N GLY A 64 14.49 -3.58 18.74
CA GLY A 64 15.67 -2.83 18.31
C GLY A 64 15.95 -1.60 19.15
N GLN A 65 17.08 -1.00 18.83
CA GLN A 65 17.63 0.13 19.59
C GLN A 65 16.81 1.40 19.43
N LYS A 66 16.32 1.64 18.22
CA LYS A 66 15.46 2.79 17.94
C LYS A 66 14.22 2.82 18.85
N ILE A 67 13.51 1.69 18.93
CA ILE A 67 12.29 1.58 19.74
C ILE A 67 12.59 1.72 21.24
N GLN A 68 13.63 1.03 21.70
CA GLN A 68 14.04 1.11 23.10
C GLN A 68 14.37 2.54 23.53
N GLU A 69 14.96 3.32 22.63
CA GLU A 69 15.27 4.72 22.89
C GLU A 69 14.04 5.64 22.90
N LYS A 70 12.99 5.32 22.14
CA LYS A 70 11.73 6.07 22.21
C LYS A 70 10.97 5.73 23.50
N ALA A 71 11.02 4.47 23.93
CA ALA A 71 10.42 4.06 25.20
C ALA A 71 11.10 4.76 26.38
N GLN A 72 12.44 4.77 26.36
CA GLN A 72 13.25 5.52 27.33
C GLN A 72 12.88 7.00 27.34
N LYS A 73 12.84 7.59 26.15
CA LYS A 73 12.46 9.00 25.95
C LYS A 73 11.05 9.35 26.47
N ALA A 74 10.11 8.42 26.34
CA ALA A 74 8.76 8.57 26.89
C ALA A 74 8.64 8.29 28.40
N GLY A 75 9.72 7.88 29.05
CA GLY A 75 9.74 7.62 30.49
C GLY A 75 8.99 6.37 30.89
N LYS A 76 8.97 5.38 29.99
CA LYS A 76 8.16 4.17 30.14
C LYS A 76 9.00 2.95 29.79
N THR A 77 8.51 1.78 30.19
CA THR A 77 9.10 0.51 29.74
C THR A 77 8.72 0.31 28.28
N GLU A 78 9.45 -0.60 27.64
CA GLU A 78 9.30 -0.84 26.20
C GLU A 78 7.88 -1.33 25.89
N ILE A 79 7.43 -2.30 26.66
CA ILE A 79 6.13 -2.96 26.43
C ILE A 79 4.91 -2.05 26.66
N GLU A 80 4.93 -1.22 27.71
CA GLU A 80 3.80 -0.31 27.97
C GLU A 80 3.78 0.84 26.97
N TYR A 81 4.96 1.33 26.58
CA TYR A 81 5.09 2.25 25.45
C TYR A 81 4.47 1.67 24.17
N LEU A 82 4.82 0.42 23.87
CA LEU A 82 4.37 -0.26 22.64
C LEU A 82 2.87 -0.52 22.60
N ASP A 83 2.30 -1.02 23.70
CA ASP A 83 0.84 -1.27 23.78
C ASP A 83 0.00 0.00 23.58
N GLU A 84 0.50 1.14 24.04
CA GLU A 84 -0.16 2.44 23.79
C GLU A 84 -0.08 2.86 22.32
N MET A 85 1.11 2.73 21.73
CA MET A 85 1.33 3.12 20.33
C MET A 85 0.58 2.22 19.35
N ILE A 86 0.56 0.91 19.61
CA ILE A 86 -0.12 -0.05 18.73
C ILE A 86 -1.64 0.13 18.77
N ALA A 87 -2.18 0.46 19.94
CA ALA A 87 -3.61 0.80 20.08
C ALA A 87 -3.97 1.92 19.10
N GLY A 88 -3.17 2.98 19.08
CA GLY A 88 -3.34 4.09 18.14
C GLY A 88 -3.24 3.71 16.68
N ILE A 89 -2.29 2.83 16.36
CA ILE A 89 -2.09 2.35 14.98
C ILE A 89 -3.25 1.46 14.51
N LYS A 90 -3.74 0.59 15.39
CA LYS A 90 -4.91 -0.24 15.11
C LYS A 90 -6.19 0.57 14.88
N GLN A 91 -6.38 1.64 15.65
CA GLN A 91 -7.52 2.56 15.45
C GLN A 91 -7.45 3.26 14.09
N LEU A 92 -6.26 3.74 13.71
CA LEU A 92 -6.06 4.40 12.41
C LEU A 92 -6.44 3.51 11.22
N TRP A 93 -6.04 2.23 11.26
CA TRP A 93 -6.36 1.28 10.19
C TRP A 93 -7.85 0.91 10.17
N ALA A 94 -8.48 0.84 11.35
CA ALA A 94 -9.95 0.71 11.43
C ALA A 94 -10.63 1.98 10.86
N LYS A 95 -10.07 3.14 11.17
CA LYS A 95 -10.56 4.43 10.69
C LYS A 95 -10.39 4.60 9.16
N LEU A 96 -9.29 4.08 8.62
CA LEU A 96 -9.05 4.07 7.18
C LEU A 96 -9.78 2.94 6.44
N GLU A 97 -10.45 2.06 7.18
CA GLU A 97 -11.16 0.88 6.66
C GLU A 97 -10.24 0.00 5.81
N ILE A 98 -9.09 -0.31 6.41
CA ILE A 98 -8.10 -1.20 5.83
C ILE A 98 -8.63 -2.62 6.02
N SER A 99 -8.63 -3.41 4.94
CA SER A 99 -9.17 -4.77 4.94
C SER A 99 -8.07 -5.81 5.15
N ASN A 100 -7.20 -5.57 6.13
CA ASN A 100 -6.12 -6.51 6.46
C ASN A 100 -6.70 -7.72 7.20
N ASP A 101 -6.21 -8.90 6.85
CA ASP A 101 -6.67 -10.16 7.41
C ASP A 101 -5.96 -10.50 8.71
N ASP A 102 -4.83 -9.84 8.97
CA ASP A 102 -4.04 -10.07 10.19
C ASP A 102 -3.19 -8.84 10.50
N PHE A 103 -2.84 -8.69 11.78
CA PHE A 103 -1.93 -7.65 12.26
C PHE A 103 -0.84 -8.33 13.09
N ILE A 104 0.38 -8.35 12.56
CA ILE A 104 1.52 -9.01 13.24
C ILE A 104 2.33 -7.99 14.08
N ARG A 105 2.54 -8.32 15.34
CA ARG A 105 3.44 -7.57 16.22
C ARG A 105 4.65 -8.43 16.50
N THR A 106 5.86 -7.89 16.35
CA THR A 106 7.07 -8.67 16.59
C THR A 106 7.26 -9.10 18.06
N THR A 107 6.60 -8.40 18.99
CA THR A 107 6.55 -8.82 20.40
C THR A 107 5.63 -10.03 20.72
N GLU A 108 4.80 -10.45 19.76
CA GLU A 108 3.97 -11.65 19.94
C GLU A 108 4.85 -12.91 20.00
N GLU A 109 4.41 -13.89 20.79
CA GLU A 109 5.15 -15.14 20.97
C GLU A 109 5.24 -15.95 19.68
N ARG A 110 4.15 -15.93 18.88
CA ARG A 110 4.12 -16.62 17.58
C ARG A 110 5.18 -16.12 16.60
N HIS A 111 5.54 -14.84 16.70
CA HIS A 111 6.64 -14.30 15.89
C HIS A 111 8.00 -14.64 16.49
N LYS A 112 8.15 -14.39 17.78
CA LYS A 112 9.41 -14.63 18.49
C LYS A 112 9.89 -16.07 18.43
N HIS A 113 8.95 -17.00 18.52
CA HIS A 113 9.23 -18.43 18.35
C HIS A 113 9.92 -18.71 17.00
N VAL A 114 9.39 -18.13 15.92
CA VAL A 114 9.94 -18.35 14.57
C VAL A 114 11.34 -17.77 14.42
N VAL A 115 11.57 -16.57 14.98
CA VAL A 115 12.88 -15.92 14.91
C VAL A 115 13.92 -16.77 15.63
N GLU A 116 13.57 -17.29 16.80
CA GLU A 116 14.41 -18.22 17.57
C GLU A 116 14.77 -19.47 16.76
N GLN A 117 13.77 -20.06 16.10
CA GLN A 117 13.94 -21.28 15.32
C GLN A 117 14.79 -21.06 14.07
N VAL A 118 14.52 -19.98 13.35
CA VAL A 118 15.29 -19.60 12.15
C VAL A 118 16.77 -19.40 12.49
N PHE A 119 17.04 -18.69 13.59
CA PHE A 119 18.41 -18.39 14.00
C PHE A 119 19.16 -19.64 14.48
N GLU A 120 18.50 -20.49 15.26
CA GLU A 120 19.08 -21.76 15.70
C GLU A 120 19.34 -22.73 14.55
N ARG A 121 18.44 -22.74 13.55
CA ARG A 121 18.60 -23.58 12.36
C ARG A 121 19.82 -23.18 11.52
N LEU A 122 19.95 -21.89 11.22
CA LEU A 122 21.10 -21.39 10.45
C LEU A 122 22.42 -21.57 11.20
N LEU A 123 22.35 -21.44 12.53
CA LEU A 123 23.51 -21.67 13.40
C LEU A 123 23.92 -23.15 13.39
N LYS A 124 22.94 -24.04 13.51
CA LYS A 124 23.18 -25.49 13.40
C LYS A 124 23.65 -25.93 12.01
N GLN A 125 23.15 -25.27 10.96
CA GLN A 125 23.61 -25.50 9.58
C GLN A 125 25.04 -25.03 9.33
N GLY A 126 25.54 -24.11 10.14
CA GLY A 126 26.85 -23.49 9.96
C GLY A 126 26.84 -22.23 9.09
N ASP A 127 25.65 -21.79 8.67
CA ASP A 127 25.50 -20.55 7.89
C ASP A 127 25.75 -19.30 8.76
N ILE A 128 25.52 -19.42 10.06
CA ILE A 128 25.83 -18.37 11.03
C ILE A 128 27.00 -18.81 11.93
N TYR A 129 27.96 -17.92 12.12
CA TYR A 129 29.13 -18.17 12.98
C TYR A 129 29.44 -16.97 13.86
N LEU A 130 30.05 -17.24 15.02
CA LEU A 130 30.41 -16.20 15.99
C LEU A 130 31.72 -15.51 15.61
N GLY A 131 31.74 -14.18 15.78
CA GLY A 131 32.91 -13.36 15.51
C GLY A 131 32.82 -12.01 16.19
N GLU A 132 33.46 -11.01 15.59
CA GLU A 132 33.45 -9.65 16.11
C GLU A 132 33.17 -8.66 14.99
N TYR A 133 32.15 -7.83 15.17
CA TYR A 133 31.91 -6.71 14.27
C TYR A 133 32.64 -5.47 14.78
N GLU A 134 33.36 -4.81 13.87
CA GLU A 134 34.01 -3.53 14.11
C GLU A 134 33.61 -2.60 12.97
N GLY A 135 32.90 -1.52 13.29
CA GLY A 135 32.38 -0.62 12.27
C GLY A 135 31.47 0.45 12.85
N TRP A 136 30.53 0.92 12.03
CA TRP A 136 29.63 2.02 12.40
C TRP A 136 28.18 1.63 12.24
N TYR A 137 27.32 2.28 13.02
CA TYR A 137 25.91 1.96 13.08
C TYR A 137 25.09 3.22 13.25
N SER A 138 24.04 3.36 12.44
CA SER A 138 23.05 4.40 12.63
C SER A 138 21.86 3.76 13.34
N VAL A 139 21.54 4.24 14.55
CA VAL A 139 20.37 3.75 15.28
C VAL A 139 19.06 4.16 14.59
N PRO A 140 18.94 5.43 14.13
CA PRO A 140 17.73 5.83 13.38
C PRO A 140 17.48 5.12 12.04
N ASP A 141 18.52 4.58 11.41
CA ASP A 141 18.36 3.79 10.17
C ASP A 141 18.41 2.27 10.42
N GLU A 142 18.86 1.87 11.62
CA GLU A 142 19.16 0.48 11.97
C GLU A 142 19.99 -0.19 10.87
N THR A 143 21.09 0.47 10.49
CA THR A 143 21.92 0.09 9.34
C THR A 143 23.41 0.19 9.69
N TYR A 144 24.18 -0.79 9.21
CA TYR A 144 25.64 -0.83 9.37
C TYR A 144 26.32 -0.06 8.25
N TYR A 145 27.43 0.61 8.58
CA TYR A 145 28.25 1.34 7.61
C TYR A 145 29.74 1.13 7.86
N THR A 146 30.52 1.13 6.77
CA THR A 146 31.98 1.13 6.84
C THR A 146 32.48 2.56 6.99
N GLU A 147 33.75 2.70 7.38
CA GLU A 147 34.41 4.02 7.52
C GLU A 147 34.30 4.91 6.26
N SER A 148 34.49 4.31 5.09
CA SER A 148 34.45 5.02 3.81
C SER A 148 33.06 5.52 3.39
N GLN A 149 32.00 4.85 3.86
CA GLN A 149 30.61 5.26 3.57
C GLN A 149 30.16 6.53 4.30
N LEU A 150 30.87 6.90 5.38
CA LEU A 150 30.47 8.04 6.22
C LEU A 150 30.51 9.38 5.46
N VAL A 151 29.48 10.20 5.69
CA VAL A 151 29.37 11.54 5.13
C VAL A 151 29.80 12.54 6.22
N ASP A 152 30.56 13.56 5.81
CA ASP A 152 31.10 14.58 6.72
C ASP A 152 31.80 13.98 7.95
N PRO A 153 32.88 13.19 7.73
CA PRO A 153 33.63 12.59 8.84
C PRO A 153 34.23 13.60 9.83
N GLN A 154 34.41 13.15 11.07
CA GLN A 154 35.06 13.92 12.13
C GLN A 154 36.37 13.22 12.47
N TYR A 155 37.48 13.93 12.31
CA TYR A 155 38.82 13.39 12.56
C TYR A 155 39.36 13.85 13.91
N GLU A 156 40.04 12.95 14.63
CA GLU A 156 40.64 13.28 15.94
C GLU A 156 42.13 13.63 15.77
N ASN A 157 42.96 12.60 15.60
CA ASN A 157 44.39 12.76 15.34
C ASN A 157 44.70 11.91 14.11
N GLY A 158 43.95 12.14 13.05
CA GLY A 158 43.99 11.31 11.84
C GLY A 158 42.88 10.28 11.73
N LYS A 159 42.52 9.66 12.85
CA LYS A 159 41.49 8.63 12.88
C LYS A 159 40.09 9.24 12.82
N ILE A 160 39.19 8.56 12.10
CA ILE A 160 37.78 8.96 12.02
C ILE A 160 37.12 8.51 13.33
N ILE A 161 36.49 9.45 14.04
CA ILE A 161 35.85 9.19 15.33
C ILE A 161 34.36 9.58 15.35
N GLY A 162 33.78 9.71 14.16
CA GLY A 162 32.40 10.13 14.00
C GLY A 162 32.10 10.61 12.59
N GLY A 163 30.82 10.85 12.32
CA GLY A 163 30.37 11.29 11.01
C GLY A 163 28.88 11.00 10.87
N LYS A 164 28.40 10.95 9.63
CA LYS A 164 26.97 10.84 9.38
C LYS A 164 26.61 9.76 8.36
N SER A 165 25.36 9.31 8.43
CA SER A 165 24.80 8.32 7.52
C SER A 165 24.62 8.95 6.13
N PRO A 166 25.06 8.26 5.06
CA PRO A 166 24.81 8.77 3.71
C PRO A 166 23.36 8.61 3.23
N ASP A 167 22.60 7.73 3.88
CA ASP A 167 21.17 7.53 3.56
C ASP A 167 20.31 8.69 4.06
N SER A 168 20.49 9.07 5.33
CA SER A 168 19.65 10.08 5.99
C SER A 168 20.37 11.34 6.48
N GLY A 169 21.66 11.25 6.81
CA GLY A 169 22.39 12.34 7.45
C GLY A 169 22.35 12.30 8.97
N HIS A 170 21.85 11.21 9.56
CA HIS A 170 21.86 11.02 11.01
C HIS A 170 23.27 10.71 11.50
N GLU A 171 23.52 11.02 12.77
CA GLU A 171 24.81 10.73 13.42
C GLU A 171 24.97 9.23 13.68
N VAL A 172 26.00 8.63 13.09
CA VAL A 172 26.34 7.23 13.34
C VAL A 172 27.11 7.09 14.66
N GLU A 173 27.17 5.87 15.20
CA GLU A 173 27.94 5.56 16.41
C GLU A 173 28.91 4.41 16.18
N LEU A 174 30.03 4.46 16.92
CA LEU A 174 31.08 3.44 16.85
C LEU A 174 30.58 2.16 17.51
N VAL A 175 30.84 1.02 16.88
CA VAL A 175 30.52 -0.28 17.46
C VAL A 175 31.70 -1.23 17.26
N LYS A 176 32.13 -1.84 18.36
CA LYS A 176 33.10 -2.94 18.32
C LYS A 176 32.71 -3.94 19.42
N GLU A 177 32.11 -5.05 18.99
CA GLU A 177 31.57 -6.03 19.93
C GLU A 177 31.41 -7.40 19.29
N GLU A 178 31.26 -8.41 20.16
CA GLU A 178 30.97 -9.77 19.73
C GLU A 178 29.63 -9.82 19.01
N SER A 179 29.60 -10.56 17.91
CA SER A 179 28.43 -10.58 17.02
C SER A 179 28.45 -11.83 16.15
N TYR A 180 27.29 -12.45 15.98
CA TYR A 180 27.11 -13.54 15.03
C TYR A 180 27.06 -12.97 13.62
N PHE A 181 27.57 -13.73 12.66
CA PHE A 181 27.63 -13.29 11.26
C PHE A 181 26.94 -14.27 10.33
N PHE A 182 26.28 -13.75 9.30
CA PHE A 182 25.60 -14.55 8.29
C PHE A 182 26.35 -14.38 6.98
N ASN A 183 26.92 -15.47 6.48
CA ASN A 183 27.75 -15.47 5.27
C ASN A 183 26.83 -15.35 4.04
N ILE A 184 26.43 -14.12 3.73
CA ILE A 184 25.52 -13.86 2.60
C ILE A 184 26.25 -13.81 1.25
N SER A 185 27.58 -13.64 1.27
CA SER A 185 28.38 -13.55 0.04
C SER A 185 28.40 -14.85 -0.78
N LYS A 186 28.27 -16.02 -0.11
CA LYS A 186 28.24 -17.29 -0.82
C LYS A 186 26.96 -17.51 -1.65
N TYR A 187 25.88 -16.81 -1.30
CA TYR A 187 24.62 -16.86 -2.05
C TYR A 187 24.54 -15.85 -3.22
N THR A 188 25.58 -15.03 -3.39
CA THR A 188 25.52 -13.90 -4.32
C THR A 188 25.39 -14.32 -5.80
N ASP A 189 25.97 -15.47 -6.15
CA ASP A 189 25.82 -16.05 -7.49
C ASP A 189 24.38 -16.51 -7.79
N ARG A 190 23.74 -17.13 -6.79
CA ARG A 190 22.34 -17.56 -6.89
C ARG A 190 21.36 -16.39 -6.96
N LEU A 191 21.63 -15.33 -6.20
CA LEU A 191 20.79 -14.12 -6.21
C LEU A 191 20.82 -13.44 -7.58
N LEU A 192 22.00 -13.32 -8.17
CA LEU A 192 22.16 -12.78 -9.53
C LEU A 192 21.47 -13.66 -10.59
N GLU A 193 21.54 -14.97 -10.40
CA GLU A 193 20.86 -15.93 -11.28
C GLU A 193 19.33 -15.81 -11.15
N PHE A 194 18.86 -15.60 -9.92
CA PHE A 194 17.43 -15.35 -9.64
C PHE A 194 16.94 -14.03 -10.27
N TYR A 195 17.77 -12.99 -10.20
CA TYR A 195 17.48 -11.71 -10.88
C TYR A 195 17.33 -11.88 -12.40
N ASP A 196 18.13 -12.77 -12.99
CA ASP A 196 18.04 -13.07 -14.43
C ASP A 196 16.79 -13.88 -14.80
N GLN A 197 16.51 -14.93 -14.03
CA GLN A 197 15.30 -15.74 -14.25
C GLN A 197 13.98 -15.00 -13.97
N ASN A 198 14.03 -13.99 -13.10
CA ASN A 198 12.84 -13.21 -12.72
C ASN A 198 13.10 -11.70 -12.95
N PRO A 199 12.92 -11.24 -14.21
CA PRO A 199 13.23 -9.84 -14.55
C PRO A 199 12.27 -8.80 -13.97
N ASP A 200 11.02 -9.21 -13.67
CA ASP A 200 10.02 -8.32 -13.06
C ASP A 200 10.12 -8.18 -11.53
N PHE A 201 11.04 -8.92 -10.89
CA PHE A 201 11.11 -9.02 -9.42
C PHE A 201 11.14 -7.67 -8.67
N ILE A 202 11.97 -6.74 -9.13
CA ILE A 202 12.10 -5.43 -8.51
C ILE A 202 11.42 -4.36 -9.38
N GLN A 203 10.34 -3.79 -8.86
CA GLN A 203 9.61 -2.70 -9.52
C GLN A 203 9.70 -1.43 -8.67
N PRO A 204 10.00 -0.26 -9.27
CA PRO A 204 10.28 -0.08 -10.69
C PRO A 204 11.64 -0.64 -11.14
N PRO A 205 11.87 -0.76 -12.46
CA PRO A 205 13.16 -1.18 -13.04
C PRO A 205 14.39 -0.40 -12.56
N SER A 206 14.22 0.88 -12.23
CA SER A 206 15.32 1.74 -11.79
C SER A 206 15.98 1.30 -10.47
N ARG A 207 15.19 0.85 -9.50
CA ARG A 207 15.74 0.37 -8.22
C ARG A 207 16.57 -0.91 -8.33
N LYS A 208 16.30 -1.72 -9.36
CA LYS A 208 17.08 -2.94 -9.63
C LYS A 208 18.54 -2.64 -9.98
N ASN A 209 18.76 -1.69 -10.89
CA ASN A 209 20.12 -1.25 -11.24
C ASN A 209 20.83 -0.64 -10.04
N GLU A 210 20.06 0.07 -9.23
CA GLU A 210 20.51 0.63 -7.96
C GLU A 210 20.98 -0.48 -7.00
N MET A 211 20.23 -1.57 -6.91
CA MET A 211 20.62 -2.72 -6.08
C MET A 211 21.91 -3.39 -6.57
N ILE A 212 22.01 -3.62 -7.87
CA ILE A 212 23.14 -4.37 -8.43
C ILE A 212 24.46 -3.59 -8.33
N ASN A 213 24.44 -2.32 -8.70
CA ASN A 213 25.68 -1.53 -8.81
C ASN A 213 26.17 -0.88 -7.52
N ASN A 214 25.27 -0.61 -6.57
CA ASN A 214 25.66 0.03 -5.29
C ASN A 214 25.77 -0.94 -4.09
N PHE A 215 25.40 -2.22 -4.27
CA PHE A 215 25.52 -3.24 -3.19
C PHE A 215 26.12 -4.57 -3.64
N ILE A 216 25.55 -5.18 -4.69
CA ILE A 216 25.94 -6.53 -5.14
C ILE A 216 27.31 -6.58 -5.84
N LYS A 217 27.51 -5.73 -6.86
CA LYS A 217 28.77 -5.71 -7.63
C LYS A 217 30.00 -5.34 -6.79
N PRO A 218 29.91 -4.28 -5.95
CA PRO A 218 31.05 -3.91 -5.08
C PRO A 218 31.55 -5.02 -4.14
N GLY A 219 30.65 -5.91 -3.72
CA GLY A 219 30.99 -7.04 -2.86
C GLY A 219 30.11 -7.05 -1.62
N LEU A 220 29.33 -8.11 -1.44
CA LEU A 220 28.48 -8.28 -0.26
C LEU A 220 29.32 -8.69 0.94
N ALA A 221 29.43 -7.80 1.93
CA ALA A 221 30.11 -8.10 3.19
C ALA A 221 29.26 -9.04 4.03
N ASP A 222 29.90 -9.85 4.87
CA ASP A 222 29.19 -10.73 5.79
C ASP A 222 28.37 -9.89 6.78
N LEU A 223 27.12 -10.30 6.98
CA LEU A 223 26.14 -9.49 7.71
C LEU A 223 26.16 -9.84 9.19
N ALA A 224 26.27 -8.81 10.03
CA ALA A 224 26.17 -8.97 11.49
C ALA A 224 24.71 -9.14 11.89
N VAL A 225 24.34 -10.36 12.27
CA VAL A 225 22.94 -10.73 12.54
C VAL A 225 22.56 -10.77 14.02
N SER A 226 23.48 -10.40 14.90
CA SER A 226 23.17 -10.31 16.33
C SER A 226 24.10 -9.33 17.01
N ARG A 227 23.70 -8.89 18.19
CA ARG A 227 24.47 -7.91 18.95
C ARG A 227 24.32 -8.12 20.45
N THR A 228 25.32 -7.68 21.20
CA THR A 228 25.42 -7.91 22.66
C THR A 228 25.34 -6.63 23.51
N SER A 229 25.24 -5.46 22.89
CA SER A 229 25.31 -4.17 23.60
C SER A 229 23.97 -3.66 24.16
N PHE A 230 22.86 -4.28 23.76
CA PHE A 230 21.52 -3.91 24.23
C PHE A 230 20.64 -5.17 24.35
N ASN A 231 19.51 -5.04 25.03
CA ASN A 231 18.67 -6.21 25.39
C ASN A 231 17.31 -6.30 24.68
N TRP A 232 16.88 -5.24 23.99
CA TRP A 232 15.53 -5.22 23.42
C TRP A 232 15.42 -5.93 22.06
N GLY A 233 15.03 -7.19 22.12
CA GLY A 233 14.79 -7.99 20.92
C GLY A 233 14.71 -9.46 21.24
N VAL A 234 14.74 -10.29 20.20
CA VAL A 234 14.71 -11.73 20.33
C VAL A 234 16.12 -12.18 20.67
N HIS A 235 16.24 -12.95 21.76
CA HIS A 235 17.52 -13.48 22.18
C HIS A 235 17.80 -14.84 21.57
N VAL A 236 19.08 -15.10 21.28
CA VAL A 236 19.50 -16.37 20.69
C VAL A 236 19.43 -17.43 21.79
N PRO A 237 18.65 -18.51 21.60
CA PRO A 237 18.54 -19.51 22.67
C PRO A 237 19.87 -20.16 23.09
N SER A 238 20.73 -20.46 22.11
CA SER A 238 22.03 -21.08 22.39
C SER A 238 23.10 -20.10 22.91
N ASN A 239 22.83 -18.79 22.83
CA ASN A 239 23.74 -17.77 23.37
C ASN A 239 22.93 -16.53 23.83
N PRO A 240 22.21 -16.66 24.97
CA PRO A 240 21.20 -15.67 25.41
C PRO A 240 21.63 -14.21 25.55
N LYS A 241 22.92 -13.94 25.74
CA LYS A 241 23.45 -12.56 25.73
C LYS A 241 23.24 -11.84 24.39
N HIS A 242 23.20 -12.59 23.29
CA HIS A 242 23.01 -12.04 21.94
C HIS A 242 21.55 -11.78 21.61
N VAL A 243 21.27 -10.57 21.13
CA VAL A 243 19.95 -10.19 20.60
C VAL A 243 20.02 -10.18 19.07
N VAL A 244 18.99 -10.72 18.43
CA VAL A 244 18.94 -10.82 16.97
C VAL A 244 18.78 -9.42 16.35
N TYR A 245 19.54 -9.19 15.27
CA TYR A 245 19.51 -7.92 14.53
C TYR A 245 18.08 -7.65 14.06
N VAL A 246 17.60 -6.45 14.35
CA VAL A 246 16.20 -6.05 14.13
C VAL A 246 15.67 -6.36 12.72
N TRP A 247 16.51 -6.21 11.70
CA TRP A 247 16.10 -6.47 10.31
C TRP A 247 15.91 -7.96 9.97
N ILE A 248 16.63 -8.85 10.65
CA ILE A 248 16.42 -10.28 10.51
C ILE A 248 15.09 -10.65 11.20
N ASP A 249 14.95 -10.21 12.44
CA ASP A 249 13.71 -10.28 13.21
C ASP A 249 12.52 -9.82 12.36
N ALA A 250 12.60 -8.59 11.85
CA ALA A 250 11.47 -7.97 11.15
C ALA A 250 11.08 -8.68 9.85
N LEU A 251 12.06 -9.00 9.00
CA LEU A 251 11.78 -9.66 7.72
C LEU A 251 11.03 -10.99 7.85
N VAL A 252 11.24 -11.69 8.96
CA VAL A 252 10.59 -12.98 9.25
C VAL A 252 9.06 -12.86 9.48
N ASN A 253 8.55 -11.65 9.75
CA ASN A 253 7.10 -11.43 9.97
C ASN A 253 6.19 -11.95 8.83
N TYR A 254 6.69 -11.84 7.59
CA TYR A 254 5.91 -12.25 6.40
C TYR A 254 5.60 -13.74 6.36
N ILE A 255 6.47 -14.55 6.96
CA ILE A 255 6.27 -16.01 7.05
C ILE A 255 5.82 -16.47 8.45
N SER A 256 6.26 -15.79 9.51
CA SER A 256 5.81 -16.10 10.88
C SER A 256 4.30 -15.88 11.05
N ALA A 257 3.78 -14.82 10.43
CA ALA A 257 2.35 -14.52 10.44
C ALA A 257 1.49 -15.60 9.75
N LEU A 258 2.09 -16.37 8.85
CA LEU A 258 1.44 -17.53 8.23
C LEU A 258 1.65 -18.87 8.99
N GLY A 259 2.16 -18.82 10.21
CA GLY A 259 2.38 -20.01 11.02
C GLY A 259 3.54 -20.91 10.60
N TYR A 260 4.53 -20.33 9.92
CA TYR A 260 5.74 -21.06 9.53
C TYR A 260 6.51 -21.52 10.77
N LEU A 261 6.94 -22.79 10.79
CA LEU A 261 7.59 -23.41 11.96
C LEU A 261 6.75 -23.45 13.25
N SER A 262 5.43 -23.38 13.11
CA SER A 262 4.50 -23.57 14.23
C SER A 262 3.87 -24.97 14.08
N ASP A 263 2.89 -25.31 14.92
CA ASP A 263 2.15 -26.59 14.77
C ASP A 263 1.04 -26.55 13.70
N ASP A 264 0.81 -25.38 13.09
CA ASP A 264 -0.10 -25.25 11.94
C ASP A 264 0.52 -24.34 10.87
N GLU A 265 1.05 -24.96 9.81
CA GLU A 265 1.63 -24.24 8.67
C GLU A 265 0.66 -24.13 7.47
N SER A 266 -0.65 -24.16 7.72
CA SER A 266 -1.63 -24.23 6.63
C SER A 266 -1.70 -22.94 5.81
N LEU A 267 -1.65 -21.79 6.48
CA LEU A 267 -1.60 -20.50 5.81
C LEU A 267 -0.32 -20.35 4.98
N PHE A 268 0.80 -20.80 5.54
CA PHE A 268 2.10 -20.76 4.88
C PHE A 268 2.12 -21.59 3.59
N ASN A 269 1.65 -22.83 3.69
CA ASN A 269 1.54 -23.73 2.53
C ASN A 269 0.64 -23.17 1.43
N LYS A 270 -0.40 -22.47 1.84
CA LYS A 270 -1.36 -21.89 0.91
C LYS A 270 -0.88 -20.59 0.26
N TYR A 271 -0.44 -19.63 1.07
CA TYR A 271 -0.18 -18.26 0.59
C TYR A 271 1.26 -17.92 0.21
N TRP A 272 2.24 -18.55 0.86
CA TRP A 272 3.65 -18.32 0.51
C TRP A 272 3.94 -19.07 -0.81
N PRO A 273 4.67 -18.47 -1.75
CA PRO A 273 5.34 -17.16 -1.68
C PRO A 273 4.46 -15.96 -1.93
N ALA A 274 4.84 -14.83 -1.32
CA ALA A 274 4.11 -13.59 -1.47
C ALA A 274 4.16 -13.12 -2.90
N ASP A 275 3.05 -12.57 -3.37
CA ASP A 275 2.94 -12.05 -4.72
C ASP A 275 3.54 -10.65 -4.78
N ILE A 276 3.27 -9.82 -3.77
CA ILE A 276 3.82 -8.47 -3.70
C ILE A 276 4.25 -8.10 -2.28
N HIS A 277 5.47 -7.57 -2.17
CA HIS A 277 5.92 -6.85 -0.99
C HIS A 277 5.90 -5.36 -1.31
N LEU A 278 5.05 -4.59 -0.63
CA LEU A 278 5.03 -3.12 -0.78
C LEU A 278 5.99 -2.45 0.19
N MET A 279 6.53 -1.31 -0.23
CA MET A 279 7.45 -0.50 0.59
C MET A 279 7.79 0.81 -0.12
N ALA A 280 8.46 1.71 0.58
CA ALA A 280 9.14 2.84 -0.05
C ALA A 280 10.57 2.45 -0.40
N LYS A 281 11.20 3.25 -1.25
CA LYS A 281 12.51 2.93 -1.83
C LYS A 281 13.69 2.73 -0.84
N GLU A 282 13.61 3.32 0.36
CA GLU A 282 14.75 3.22 1.31
C GLU A 282 15.02 1.82 1.90
N ILE A 283 14.01 0.94 1.91
CA ILE A 283 14.16 -0.43 2.46
C ILE A 283 14.15 -1.55 1.39
N VAL A 284 14.46 -1.20 0.14
CA VAL A 284 14.50 -2.17 -0.96
C VAL A 284 15.65 -3.17 -0.79
N ARG A 285 16.82 -2.70 -0.34
CA ARG A 285 17.99 -3.57 -0.14
C ARG A 285 17.75 -4.70 0.86
N PHE A 286 16.97 -4.42 1.91
CA PHE A 286 16.61 -5.46 2.88
C PHE A 286 15.68 -6.50 2.25
N HIS A 287 14.70 -6.02 1.49
CA HIS A 287 13.69 -6.90 0.87
C HIS A 287 14.14 -7.60 -0.43
N SER A 288 15.14 -7.05 -1.12
CA SER A 288 15.60 -7.56 -2.42
C SER A 288 16.96 -8.27 -2.40
N ILE A 289 17.75 -8.10 -1.34
CA ILE A 289 19.06 -8.76 -1.21
C ILE A 289 19.07 -9.69 -0.01
N ILE A 290 18.92 -9.12 1.19
CA ILE A 290 19.00 -9.88 2.44
C ILE A 290 17.83 -10.88 2.58
N TRP A 291 16.63 -10.44 2.24
CA TRP A 291 15.42 -11.28 2.38
C TRP A 291 15.42 -12.54 1.50
N PRO A 292 15.65 -12.40 0.17
CA PRO A 292 15.75 -13.62 -0.66
C PRO A 292 16.92 -14.54 -0.28
N ILE A 293 18.03 -13.97 0.17
CA ILE A 293 19.19 -14.77 0.63
C ILE A 293 18.85 -15.55 1.91
N LEU A 294 18.14 -14.92 2.84
CA LEU A 294 17.64 -15.61 4.04
C LEU A 294 16.71 -16.78 3.67
N LEU A 295 15.82 -16.53 2.72
CA LEU A 295 14.91 -17.56 2.21
C LEU A 295 15.64 -18.73 1.53
N MET A 296 16.67 -18.42 0.74
CA MET A 296 17.52 -19.45 0.13
C MET A 296 18.17 -20.36 1.19
N ALA A 297 18.69 -19.75 2.27
CA ALA A 297 19.29 -20.48 3.40
C ALA A 297 18.32 -21.38 4.17
N LEU A 298 17.04 -20.99 4.20
CA LEU A 298 15.95 -21.81 4.77
C LEU A 298 15.31 -22.78 3.77
N ASP A 299 15.77 -22.77 2.51
CA ASP A 299 15.23 -23.58 1.42
C ASP A 299 13.74 -23.32 1.18
N LEU A 300 13.39 -22.04 1.14
CA LEU A 300 12.01 -21.59 0.92
C LEU A 300 11.90 -20.87 -0.42
N PRO A 301 10.68 -20.86 -1.02
CA PRO A 301 10.50 -20.12 -2.28
C PRO A 301 10.57 -18.61 -2.06
N LEU A 302 11.07 -17.91 -3.08
CA LEU A 302 11.25 -16.46 -3.00
C LEU A 302 9.96 -15.72 -3.37
N PRO A 303 9.82 -14.46 -2.91
CA PRO A 303 8.64 -13.70 -3.29
C PRO A 303 8.65 -13.38 -4.78
N LYS A 304 7.47 -13.17 -5.34
CA LYS A 304 7.34 -12.92 -6.77
C LYS A 304 7.72 -11.50 -7.14
N LYS A 305 7.50 -10.56 -6.22
CA LYS A 305 7.68 -9.16 -6.54
C LYS A 305 7.85 -8.26 -5.33
N VAL A 306 8.79 -7.32 -5.42
CA VAL A 306 8.93 -6.24 -4.45
C VAL A 306 8.64 -4.93 -5.17
N PHE A 307 7.64 -4.19 -4.68
CA PHE A 307 7.23 -2.90 -5.26
C PHE A 307 7.63 -1.78 -4.33
N ALA A 308 8.47 -0.87 -4.83
CA ALA A 308 8.98 0.25 -4.06
C ALA A 308 8.48 1.57 -4.65
N HIS A 309 7.50 2.19 -3.98
CA HIS A 309 6.99 3.50 -4.38
C HIS A 309 7.90 4.64 -3.88
N GLY A 310 7.63 5.85 -4.34
CA GLY A 310 8.37 7.03 -3.90
C GLY A 310 7.91 7.56 -2.55
N TRP A 311 8.39 8.74 -2.20
CA TRP A 311 8.08 9.38 -0.92
C TRP A 311 7.08 10.53 -1.07
N ILE A 312 6.23 10.69 -0.05
CA ILE A 312 5.53 11.95 0.17
C ILE A 312 6.57 12.94 0.64
N LEU A 313 6.66 14.07 -0.06
CA LEU A 313 7.64 15.12 0.24
C LEU A 313 6.95 16.29 0.90
N MET A 314 7.72 17.04 1.68
CA MET A 314 7.25 18.27 2.31
C MET A 314 8.07 19.43 1.71
N LYS A 315 8.03 20.61 2.35
CA LYS A 315 8.89 21.73 1.97
C LYS A 315 10.39 21.39 2.07
N ASP A 316 10.73 20.55 3.05
CA ASP A 316 12.12 20.12 3.31
C ASP A 316 12.30 18.60 3.18
N GLY A 317 11.90 18.08 2.03
CA GLY A 317 12.16 16.67 1.67
C GLY A 317 11.24 15.65 2.31
N LYS A 318 11.68 14.38 2.23
CA LYS A 318 11.00 13.22 2.84
C LYS A 318 10.24 13.53 4.12
N MET A 319 8.93 13.29 4.10
CA MET A 319 8.12 13.32 5.32
C MET A 319 8.60 12.19 6.23
N SER A 320 8.93 12.53 7.47
CA SER A 320 9.56 11.60 8.40
C SER A 320 9.10 11.88 9.83
N LYS A 321 8.70 10.83 10.54
CA LYS A 321 8.17 10.97 11.92
C LYS A 321 9.25 11.30 12.97
N SER A 322 10.47 10.81 12.77
CA SER A 322 11.60 11.21 13.61
C SER A 322 11.96 12.70 13.43
N LYS A 323 11.81 13.17 12.19
CA LYS A 323 12.13 14.56 11.82
C LYS A 323 11.00 15.52 12.24
N GLY A 324 9.75 15.13 11.98
CA GLY A 324 8.57 15.90 12.41
C GLY A 324 7.97 16.87 11.41
N ASN A 325 8.27 16.71 10.12
CA ASN A 325 7.63 17.50 9.04
C ASN A 325 6.41 16.74 8.51
N VAL A 326 5.42 16.54 9.39
CA VAL A 326 4.37 15.53 9.17
C VAL A 326 2.96 16.08 9.03
N VAL A 327 2.13 15.31 8.34
CA VAL A 327 0.69 15.52 8.25
C VAL A 327 0.05 14.27 8.87
N ASP A 328 -0.79 14.46 9.87
CA ASP A 328 -1.46 13.37 10.58
C ASP A 328 -2.72 12.96 9.80
N PRO A 329 -2.87 11.66 9.43
CA PRO A 329 -4.09 11.21 8.74
C PRO A 329 -5.40 11.33 9.55
N ASN A 330 -5.31 11.27 10.87
CA ASN A 330 -6.49 11.48 11.75
C ASN A 330 -7.11 12.87 11.57
N ILE A 331 -6.27 13.89 11.37
CA ILE A 331 -6.75 15.26 11.11
C ILE A 331 -7.54 15.32 9.80
N LEU A 332 -6.97 14.74 8.74
CA LEU A 332 -7.58 14.77 7.41
C LEU A 332 -8.90 14.01 7.37
N ILE A 333 -8.95 12.85 8.01
CA ILE A 333 -10.16 12.02 8.04
C ILE A 333 -11.27 12.68 8.87
N ASP A 334 -10.92 13.14 10.08
CA ASP A 334 -11.88 13.81 10.97
C ASP A 334 -12.53 15.05 10.32
N ARG A 335 -11.73 15.82 9.58
CA ARG A 335 -12.21 17.06 8.98
C ARG A 335 -12.85 16.87 7.59
N TYR A 336 -12.14 16.20 6.68
CA TYR A 336 -12.59 16.08 5.28
C TYR A 336 -13.29 14.76 4.92
N GLY A 337 -13.19 13.75 5.79
CA GLY A 337 -13.84 12.45 5.56
C GLY A 337 -12.89 11.38 5.02
N LEU A 338 -13.35 10.14 5.11
CA LEU A 338 -12.53 8.98 4.75
C LEU A 338 -12.25 8.89 3.25
N ASP A 339 -13.30 8.98 2.44
CA ASP A 339 -13.19 8.87 0.97
C ASP A 339 -12.25 9.93 0.37
N ALA A 340 -12.32 11.16 0.89
CA ALA A 340 -11.45 12.25 0.46
C ALA A 340 -9.97 12.03 0.78
N THR A 341 -9.69 11.41 1.92
CA THR A 341 -8.32 11.09 2.33
C THR A 341 -7.74 9.95 1.49
N ARG A 342 -8.52 8.88 1.32
CA ARG A 342 -8.08 7.74 0.50
C ARG A 342 -7.90 8.13 -0.97
N TYR A 343 -8.82 8.97 -1.46
CA TYR A 343 -8.74 9.46 -2.84
C TYR A 343 -7.51 10.32 -3.10
N TYR A 344 -7.21 11.28 -2.21
CA TYR A 344 -6.06 12.16 -2.37
C TYR A 344 -4.75 11.36 -2.47
N LEU A 345 -4.53 10.49 -1.50
CA LEU A 345 -3.30 9.69 -1.42
C LEU A 345 -3.03 8.90 -2.70
N MET A 346 -4.04 8.19 -3.19
CA MET A 346 -3.91 7.38 -4.41
C MET A 346 -3.89 8.20 -5.71
N ARG A 347 -4.57 9.34 -5.72
CA ARG A 347 -4.65 10.19 -6.93
C ARG A 347 -3.43 11.09 -7.14
N GLU A 348 -2.94 11.70 -6.07
CA GLU A 348 -1.91 12.75 -6.18
C GLU A 348 -0.46 12.26 -6.23
N LEU A 349 -0.17 11.11 -5.65
CA LEU A 349 1.17 10.53 -5.69
C LEU A 349 1.24 9.43 -6.76
N PRO A 350 1.88 9.72 -7.91
CA PRO A 350 2.15 8.62 -8.85
C PRO A 350 3.20 7.68 -8.25
N PHE A 351 2.96 6.38 -8.40
CA PHE A 351 3.72 5.32 -7.70
C PHE A 351 5.24 5.45 -7.84
N GLY A 352 5.71 5.68 -9.06
CA GLY A 352 7.16 5.80 -9.34
C GLY A 352 7.76 7.18 -9.21
N SER A 353 7.10 8.09 -8.48
CA SER A 353 7.53 9.48 -8.34
C SER A 353 7.42 9.94 -6.90
N ASP A 354 8.30 10.86 -6.51
CA ASP A 354 8.24 11.52 -5.20
C ASP A 354 7.36 12.75 -5.31
N GLY A 355 6.27 12.78 -4.56
CA GLY A 355 5.24 13.85 -4.67
C GLY A 355 5.17 14.75 -3.45
N VAL A 356 4.90 16.03 -3.68
CA VAL A 356 4.81 17.03 -2.62
C VAL A 356 3.38 17.12 -2.10
N PHE A 357 3.21 17.07 -0.78
CA PHE A 357 1.92 17.37 -0.15
C PHE A 357 1.75 18.88 -0.05
N THR A 358 0.57 19.36 -0.43
CA THR A 358 0.13 20.73 -0.17
C THR A 358 -1.35 20.66 0.29
N PRO A 359 -1.73 21.46 1.30
CA PRO A 359 -3.16 21.48 1.69
C PRO A 359 -4.13 22.00 0.64
N GLU A 360 -3.63 22.83 -0.28
CA GLU A 360 -4.44 23.39 -1.38
C GLU A 360 -4.81 22.30 -2.39
N ALA A 361 -3.84 21.47 -2.79
CA ALA A 361 -4.10 20.33 -3.67
C ALA A 361 -5.11 19.35 -3.06
N PHE A 362 -5.05 19.17 -1.73
CA PHE A 362 -5.96 18.27 -1.02
C PHE A 362 -7.42 18.70 -1.13
N VAL A 363 -7.69 19.98 -0.88
CA VAL A 363 -9.07 20.51 -0.92
C VAL A 363 -9.57 20.65 -2.37
N GLU A 364 -8.67 20.96 -3.30
CA GLU A 364 -8.99 20.94 -4.73
C GLU A 364 -9.48 19.56 -5.20
N ARG A 365 -8.80 18.50 -4.78
CA ARG A 365 -9.23 17.12 -5.05
C ARG A 365 -10.55 16.76 -4.35
N THR A 366 -10.67 17.15 -3.09
CA THR A 366 -11.85 16.87 -2.27
C THR A 366 -13.11 17.57 -2.81
N ASN A 367 -12.96 18.84 -3.21
CA ASN A 367 -14.11 19.65 -3.64
C ASN A 367 -14.45 19.48 -5.12
N PHE A 368 -13.45 19.47 -5.99
CA PHE A 368 -13.69 19.50 -7.44
C PHE A 368 -13.90 18.12 -8.03
N ASP A 369 -13.03 17.16 -7.69
CA ASP A 369 -13.13 15.80 -8.24
C ASP A 369 -14.27 14.99 -7.61
N LEU A 370 -14.32 14.94 -6.28
CA LEU A 370 -15.33 14.12 -5.59
C LEU A 370 -16.69 14.81 -5.52
N ALA A 371 -16.77 15.91 -4.78
CA ALA A 371 -18.06 16.56 -4.49
C ALA A 371 -18.77 17.10 -5.73
N ASN A 372 -18.02 17.78 -6.60
CA ASN A 372 -18.58 18.41 -7.79
C ASN A 372 -18.64 17.45 -8.98
N ASP A 373 -17.50 16.91 -9.40
CA ASP A 373 -17.46 16.10 -10.63
C ASP A 373 -18.34 14.86 -10.50
N LEU A 374 -18.05 14.04 -9.48
CA LEU A 374 -18.79 12.78 -9.26
C LEU A 374 -20.09 13.01 -8.51
N GLY A 375 -20.02 13.72 -7.38
CA GLY A 375 -21.17 13.94 -6.52
C GLY A 375 -22.33 14.66 -7.18
N ASN A 376 -22.03 15.71 -7.95
CA ASN A 376 -23.08 16.48 -8.62
C ASN A 376 -23.60 15.79 -9.89
N LEU A 377 -22.80 14.93 -10.52
CA LEU A 377 -23.27 14.09 -11.64
C LEU A 377 -24.39 13.15 -11.20
N VAL A 378 -24.21 12.53 -10.02
CA VAL A 378 -25.21 11.64 -9.45
C VAL A 378 -26.47 12.43 -9.07
N ASN A 379 -26.27 13.60 -8.47
CA ASN A 379 -27.37 14.45 -8.01
C ASN A 379 -28.16 15.05 -9.17
N ARG A 380 -27.47 15.55 -10.18
CA ARG A 380 -28.10 16.05 -11.41
C ARG A 380 -28.94 14.97 -12.10
N THR A 381 -28.39 13.76 -12.16
CA THR A 381 -29.03 12.61 -12.82
C THR A 381 -30.32 12.18 -12.11
N ILE A 382 -30.24 11.97 -10.80
CA ILE A 382 -31.42 11.57 -10.01
C ILE A 382 -32.51 12.66 -9.99
N SER A 383 -32.11 13.93 -9.97
CA SER A 383 -33.05 15.05 -10.07
C SER A 383 -33.85 15.05 -11.38
N MET A 384 -33.18 14.71 -12.48
CA MET A 384 -33.82 14.65 -13.80
C MET A 384 -34.77 13.47 -13.95
N VAL A 385 -34.41 12.32 -13.39
CA VAL A 385 -35.30 11.14 -13.36
C VAL A 385 -36.52 11.43 -12.48
N ASN A 386 -36.30 12.08 -11.34
CA ASN A 386 -37.40 12.51 -10.45
C ASN A 386 -38.36 13.50 -11.11
N LYS A 387 -37.81 14.46 -11.85
CA LYS A 387 -38.63 15.48 -12.51
C LYS A 387 -39.34 14.93 -13.76
N TYR A 388 -38.58 14.33 -14.67
CA TYR A 388 -39.09 13.93 -15.98
C TYR A 388 -39.80 12.59 -16.05
N PHE A 389 -39.50 11.67 -15.13
CA PHE A 389 -40.15 10.34 -15.09
C PHE A 389 -40.75 9.97 -13.74
N ASP A 390 -40.88 10.94 -12.83
CA ASP A 390 -41.46 10.70 -11.50
C ASP A 390 -40.80 9.55 -10.75
N GLY A 391 -39.47 9.50 -10.81
CA GLY A 391 -38.66 8.52 -10.07
C GLY A 391 -38.39 7.21 -10.81
N GLU A 392 -39.24 6.84 -11.76
CA GLU A 392 -39.11 5.58 -12.49
C GLU A 392 -38.10 5.75 -13.63
N LEU A 393 -36.88 5.29 -13.43
CA LEU A 393 -35.86 5.27 -14.48
C LEU A 393 -36.31 4.33 -15.61
N PRO A 394 -36.39 4.83 -16.87
CA PRO A 394 -36.72 3.91 -17.97
C PRO A 394 -35.61 2.92 -18.28
N ALA A 395 -36.01 1.71 -18.70
CA ALA A 395 -35.08 0.62 -18.99
C ALA A 395 -34.17 0.93 -20.18
N TYR A 396 -32.93 0.46 -20.11
CA TYR A 396 -31.99 0.57 -21.22
C TYR A 396 -32.49 -0.28 -22.39
N GLN A 397 -32.34 0.25 -23.61
CA GLN A 397 -32.73 -0.45 -24.83
C GLN A 397 -31.53 -0.65 -25.75
N GLY A 398 -30.92 0.44 -26.18
CA GLY A 398 -29.74 0.42 -27.05
C GLY A 398 -29.15 1.80 -27.21
N PRO A 399 -28.15 1.96 -28.09
CA PRO A 399 -27.55 3.28 -28.32
C PRO A 399 -28.39 4.11 -29.30
N LEU A 400 -29.51 4.63 -28.82
CA LEU A 400 -30.48 5.35 -29.68
C LEU A 400 -30.01 6.75 -30.10
N HIS A 401 -29.36 7.47 -29.19
CA HIS A 401 -28.84 8.82 -29.49
C HIS A 401 -27.58 8.70 -30.37
N GLU A 402 -27.32 9.74 -31.18
CA GLU A 402 -26.17 9.77 -32.10
C GLU A 402 -24.79 9.61 -31.41
N LEU A 403 -24.68 10.10 -30.18
CA LEU A 403 -23.46 10.02 -29.37
C LEU A 403 -23.25 8.67 -28.64
N ASP A 404 -24.30 7.87 -28.51
CA ASP A 404 -24.27 6.65 -27.66
C ASP A 404 -23.30 5.57 -28.09
N GLU A 405 -23.15 5.36 -29.40
CA GLU A 405 -22.23 4.35 -29.92
C GLU A 405 -20.79 4.62 -29.48
N GLU A 406 -20.34 5.85 -29.66
CA GLU A 406 -18.99 6.26 -29.24
C GLU A 406 -18.82 6.29 -27.71
N MET A 407 -19.88 6.66 -26.97
CA MET A 407 -19.79 6.72 -25.49
C MET A 407 -19.85 5.33 -24.85
N GLU A 408 -20.57 4.39 -25.45
CA GLU A 408 -20.55 3.00 -24.99
C GLU A 408 -19.19 2.35 -25.23
N ALA A 409 -18.56 2.67 -26.36
CA ALA A 409 -17.18 2.26 -26.64
C ALA A 409 -16.17 2.85 -25.64
N MET A 410 -16.39 4.10 -25.23
CA MET A 410 -15.54 4.76 -24.24
C MET A 410 -15.62 4.08 -22.87
N ALA A 411 -16.82 3.67 -22.45
CA ALA A 411 -17.01 2.93 -21.20
C ALA A 411 -16.19 1.65 -21.16
N LEU A 412 -16.16 0.91 -22.28
CA LEU A 412 -15.39 -0.33 -22.37
C LEU A 412 -13.88 -0.08 -22.47
N GLU A 413 -13.48 0.95 -23.21
CA GLU A 413 -12.07 1.35 -23.27
C GLU A 413 -11.57 1.89 -21.93
N THR A 414 -12.46 2.52 -21.16
CA THR A 414 -12.16 2.98 -19.80
C THR A 414 -11.85 1.81 -18.88
N VAL A 415 -12.66 0.76 -18.95
CA VAL A 415 -12.45 -0.45 -18.14
C VAL A 415 -11.16 -1.16 -18.55
N LYS A 416 -10.87 -1.17 -19.85
CA LYS A 416 -9.64 -1.79 -20.38
C LYS A 416 -8.39 -1.05 -19.91
N SER A 417 -8.39 0.27 -20.07
CA SER A 417 -7.26 1.12 -19.64
C SER A 417 -7.05 1.10 -18.12
N TYR A 418 -8.15 1.18 -17.36
CA TYR A 418 -8.16 1.00 -15.91
C TYR A 418 -7.47 -0.30 -15.49
N THR A 419 -7.87 -1.40 -16.09
CA THR A 419 -7.30 -2.72 -15.82
C THR A 419 -5.78 -2.75 -16.04
N GLU A 420 -5.32 -2.19 -17.16
CA GLU A 420 -3.88 -2.09 -17.47
C GLU A 420 -3.12 -1.30 -16.40
N SER A 421 -3.70 -0.19 -15.95
CA SER A 421 -3.12 0.64 -14.90
C SER A 421 -3.08 -0.06 -13.54
N MET A 422 -4.15 -0.76 -13.18
CA MET A 422 -4.23 -1.46 -11.89
C MET A 422 -3.24 -2.61 -11.80
N GLU A 423 -3.11 -3.40 -12.87
CA GLU A 423 -2.18 -4.54 -12.90
C GLU A 423 -0.71 -4.09 -12.77
N SER A 424 -0.37 -2.94 -13.34
CA SER A 424 0.96 -2.33 -13.19
C SER A 424 1.06 -1.34 -12.01
N LEU A 425 0.05 -1.32 -11.14
CA LEU A 425 0.01 -0.50 -9.92
C LEU A 425 0.13 1.03 -10.12
N GLN A 426 -0.36 1.51 -11.26
CA GLN A 426 -0.39 2.93 -11.57
C GLN A 426 -1.74 3.52 -11.15
N PHE A 427 -1.89 3.73 -9.85
CA PHE A 427 -3.20 4.06 -9.25
C PHE A 427 -3.72 5.44 -9.63
N SER A 428 -2.80 6.42 -9.71
CA SER A 428 -3.15 7.77 -10.13
C SER A 428 -3.64 7.82 -11.59
N VAL A 429 -3.03 6.99 -12.45
CA VAL A 429 -3.44 6.92 -13.87
C VAL A 429 -4.79 6.20 -14.00
N ALA A 430 -4.99 5.16 -13.19
CA ALA A 430 -6.27 4.45 -13.12
C ALA A 430 -7.41 5.39 -12.73
N LEU A 431 -7.16 6.21 -11.71
CA LEU A 431 -8.15 7.17 -11.22
C LEU A 431 -8.45 8.30 -12.21
N SER A 432 -7.42 8.84 -12.86
CA SER A 432 -7.62 9.91 -13.86
C SER A 432 -8.36 9.41 -15.11
N THR A 433 -8.18 8.13 -15.45
CA THR A 433 -8.94 7.48 -16.53
C THR A 433 -10.42 7.39 -16.17
N VAL A 434 -10.73 7.01 -14.94
CA VAL A 434 -12.11 6.99 -14.44
C VAL A 434 -12.70 8.42 -14.46
N TRP A 435 -11.90 9.42 -14.10
CA TRP A 435 -12.36 10.81 -14.12
C TRP A 435 -12.55 11.43 -15.51
N LYS A 436 -11.78 10.96 -16.50
CA LYS A 436 -12.06 11.28 -17.91
C LYS A 436 -13.46 10.84 -18.31
N PHE A 437 -13.86 9.66 -17.83
CA PHE A 437 -15.19 9.11 -18.09
C PHE A 437 -16.28 9.84 -17.32
N ILE A 438 -16.03 10.17 -16.05
CA ILE A 438 -16.97 10.96 -15.24
C ILE A 438 -17.16 12.35 -15.87
N SER A 439 -16.07 13.01 -16.23
CA SER A 439 -16.12 14.33 -16.90
C SER A 439 -16.92 14.28 -18.19
N ARG A 440 -16.71 13.24 -18.99
CA ARG A 440 -17.43 13.06 -20.26
C ARG A 440 -18.92 12.79 -20.07
N THR A 441 -19.28 12.12 -18.98
CA THR A 441 -20.69 11.87 -18.64
C THR A 441 -21.42 13.17 -18.28
N ASN A 442 -20.76 14.06 -17.53
CA ASN A 442 -21.28 15.42 -17.30
C ASN A 442 -21.47 16.18 -18.61
N LYS A 443 -20.49 16.06 -19.50
CA LYS A 443 -20.54 16.67 -20.82
C LYS A 443 -21.68 16.12 -21.69
N TYR A 444 -21.97 14.82 -21.55
CA TYR A 444 -23.12 14.18 -22.21
C TYR A 444 -24.47 14.82 -21.85
N ILE A 445 -24.64 15.24 -20.58
CA ILE A 445 -25.84 16.00 -20.16
C ILE A 445 -25.93 17.31 -20.94
N ASP A 446 -24.81 18.01 -21.06
CA ASP A 446 -24.75 19.30 -21.76
C ASP A 446 -24.94 19.18 -23.27
N GLU A 447 -24.45 18.09 -23.85
CA GLU A 447 -24.59 17.83 -25.29
C GLU A 447 -26.02 17.46 -25.70
N THR A 448 -26.65 16.58 -24.92
CA THR A 448 -28.00 16.08 -25.22
C THR A 448 -29.14 17.00 -24.76
N THR A 449 -28.87 17.90 -23.81
CA THR A 449 -29.86 18.83 -23.23
C THR A 449 -31.24 18.20 -22.97
N PRO A 450 -31.36 17.35 -21.93
CA PRO A 450 -32.62 16.63 -21.62
C PRO A 450 -33.85 17.52 -21.42
N TRP A 451 -33.66 18.66 -20.77
CA TRP A 451 -34.70 19.71 -20.65
C TRP A 451 -35.35 20.13 -21.98
N VAL A 452 -34.56 20.21 -23.06
CA VAL A 452 -35.10 20.49 -24.40
C VAL A 452 -35.94 19.30 -24.90
N LEU A 453 -35.44 18.09 -24.69
CA LEU A 453 -36.17 16.86 -25.07
C LEU A 453 -37.47 16.68 -24.28
N ALA A 454 -37.48 17.12 -23.02
CA ALA A 454 -38.67 17.01 -22.14
C ALA A 454 -39.84 17.91 -22.53
N LYS A 455 -39.57 18.95 -23.32
CA LYS A 455 -40.64 19.83 -23.86
C LYS A 455 -41.49 19.12 -24.91
N ASP A 456 -40.82 18.41 -25.83
CA ASP A 456 -41.49 17.66 -26.91
C ASP A 456 -41.82 16.24 -26.46
N ASP A 457 -43.10 15.89 -26.49
CA ASP A 457 -43.56 14.56 -26.04
C ASP A 457 -43.36 13.44 -27.08
N SER A 458 -42.98 13.79 -28.31
CA SER A 458 -42.50 12.80 -29.28
C SER A 458 -41.07 12.31 -28.95
N GLN A 459 -40.32 13.13 -28.21
CA GLN A 459 -38.92 12.82 -27.82
C GLN A 459 -38.79 12.13 -26.43
N LYS A 460 -39.87 11.52 -25.94
CA LYS A 460 -39.84 10.83 -24.64
C LYS A 460 -38.98 9.56 -24.63
N ASP A 461 -39.03 8.78 -25.72
CA ASP A 461 -38.16 7.60 -25.87
C ASP A 461 -36.67 7.97 -25.84
N MET A 462 -36.32 9.03 -26.56
CA MET A 462 -34.96 9.55 -26.57
C MET A 462 -34.54 10.09 -25.21
N LEU A 463 -35.46 10.77 -24.52
CA LEU A 463 -35.20 11.26 -23.17
C LEU A 463 -34.92 10.13 -22.18
N GLY A 464 -35.72 9.06 -22.25
CA GLY A 464 -35.51 7.87 -21.43
C GLY A 464 -34.18 7.17 -21.70
N ASN A 465 -33.79 7.16 -22.98
CA ASN A 465 -32.49 6.64 -23.43
C ASN A 465 -31.31 7.42 -22.82
N VAL A 466 -31.42 8.74 -22.82
CA VAL A 466 -30.39 9.61 -22.24
C VAL A 466 -30.22 9.32 -20.76
N MET A 467 -31.33 9.25 -20.02
CA MET A 467 -31.31 8.94 -18.58
C MET A 467 -30.70 7.56 -18.30
N ALA A 468 -31.01 6.58 -19.15
CA ALA A 468 -30.45 5.23 -19.02
C ALA A 468 -28.93 5.23 -19.18
N HIS A 469 -28.42 6.01 -20.12
CA HIS A 469 -26.98 6.14 -20.33
C HIS A 469 -26.24 6.85 -19.20
N LEU A 470 -26.88 7.86 -18.60
CA LEU A 470 -26.31 8.56 -17.45
C LEU A 470 -26.11 7.62 -16.26
N VAL A 471 -27.17 6.89 -15.93
CA VAL A 471 -27.16 5.96 -14.79
C VAL A 471 -26.19 4.79 -15.05
N GLU A 472 -26.12 4.33 -16.29
CA GLU A 472 -25.19 3.25 -16.64
C GLU A 472 -23.73 3.69 -16.55
N ASN A 473 -23.43 4.88 -17.09
CA ASN A 473 -22.10 5.47 -16.92
C ASN A 473 -21.72 5.62 -15.44
N ILE A 474 -22.66 6.11 -14.62
CA ILE A 474 -22.45 6.22 -13.16
C ILE A 474 -22.13 4.87 -12.52
N ARG A 475 -22.87 3.83 -12.93
CA ARG A 475 -22.67 2.48 -12.43
C ARG A 475 -21.26 1.96 -12.72
N TYR A 476 -20.79 2.17 -13.95
CA TYR A 476 -19.40 1.83 -14.32
C TYR A 476 -18.39 2.50 -13.39
N ALA A 477 -18.51 3.82 -13.27
CA ALA A 477 -17.66 4.60 -12.34
C ALA A 477 -17.69 4.08 -10.90
N ALA A 478 -18.89 3.78 -10.38
CA ALA A 478 -19.05 3.31 -9.00
C ALA A 478 -18.40 1.95 -8.75
N VAL A 479 -18.51 1.04 -9.72
CA VAL A 479 -17.88 -0.29 -9.61
C VAL A 479 -16.35 -0.17 -9.62
N LEU A 480 -15.83 0.60 -10.57
CA LEU A 480 -14.38 0.84 -10.71
C LEU A 480 -13.76 1.53 -9.49
N LEU A 481 -14.55 2.32 -8.76
CA LEU A 481 -14.08 3.01 -7.54
C LEU A 481 -14.25 2.22 -6.24
N ARG A 482 -14.79 1.01 -6.29
CA ARG A 482 -14.96 0.16 -5.09
C ARG A 482 -13.65 -0.23 -4.36
N PRO A 483 -12.55 -0.46 -5.11
CA PRO A 483 -11.26 -0.66 -4.44
C PRO A 483 -10.71 0.59 -3.73
N PHE A 484 -11.02 1.77 -4.25
CA PHE A 484 -10.47 3.03 -3.73
C PHE A 484 -11.31 3.62 -2.60
N LEU A 485 -12.59 3.83 -2.87
CA LEU A 485 -13.51 4.50 -1.96
C LEU A 485 -14.46 3.50 -1.30
N THR A 486 -14.54 3.56 0.04
CA THR A 486 -15.32 2.58 0.81
C THR A 486 -16.79 2.96 1.06
N HIS A 487 -17.12 4.25 1.00
CA HIS A 487 -18.48 4.72 1.29
C HIS A 487 -19.30 5.14 0.06
N ALA A 488 -18.68 5.92 -0.84
CA ALA A 488 -19.41 6.53 -1.96
C ALA A 488 -20.06 5.53 -2.93
N PRO A 489 -19.35 4.43 -3.29
CA PRO A 489 -19.99 3.45 -4.18
C PRO A 489 -21.28 2.86 -3.58
N LYS A 490 -21.21 2.42 -2.33
CA LYS A 490 -22.39 1.92 -1.59
C LYS A 490 -23.53 2.94 -1.56
N GLU A 491 -23.19 4.20 -1.30
CA GLU A 491 -24.19 5.29 -1.30
C GLU A 491 -24.81 5.50 -2.69
N ILE A 492 -24.01 5.44 -3.74
CA ILE A 492 -24.50 5.59 -5.11
C ILE A 492 -25.46 4.46 -5.50
N PHE A 493 -25.12 3.21 -5.16
CA PHE A 493 -26.01 2.06 -5.44
C PHE A 493 -27.31 2.17 -4.65
N GLU A 494 -27.23 2.63 -3.40
CA GLU A 494 -28.41 2.90 -2.56
C GLU A 494 -29.35 3.92 -3.18
N GLN A 495 -28.81 5.06 -3.62
CA GLN A 495 -29.62 6.14 -4.19
C GLN A 495 -30.26 5.80 -5.53
N LEU A 496 -29.51 5.10 -6.39
CA LEU A 496 -30.03 4.65 -7.69
C LEU A 496 -30.90 3.39 -7.58
N ASN A 497 -30.83 2.70 -6.44
CA ASN A 497 -31.65 1.51 -6.14
C ASN A 497 -31.26 0.31 -7.00
N ILE A 498 -29.95 0.07 -7.08
CA ILE A 498 -29.37 -1.08 -7.74
C ILE A 498 -28.99 -2.04 -6.61
N ASN A 499 -29.77 -3.10 -6.44
CA ASN A 499 -29.58 -4.07 -5.34
C ASN A 499 -29.24 -5.50 -5.77
N ASN A 500 -29.19 -5.78 -7.08
CA ASN A 500 -28.68 -7.05 -7.58
C ASN A 500 -27.15 -7.04 -7.38
N PRO A 501 -26.62 -7.94 -6.52
CA PRO A 501 -25.17 -7.93 -6.23
C PRO A 501 -24.26 -8.13 -7.44
N GLN A 502 -24.76 -8.82 -8.48
CA GLN A 502 -24.00 -9.00 -9.73
C GLN A 502 -23.63 -7.69 -10.42
N PHE A 503 -24.50 -6.68 -10.32
CA PHE A 503 -24.26 -5.38 -10.97
C PHE A 503 -23.31 -4.43 -10.22
N MET A 504 -22.72 -4.88 -9.11
CA MET A 504 -21.63 -4.16 -8.43
C MET A 504 -20.25 -4.76 -8.71
N GLU A 505 -20.19 -5.83 -9.50
CA GLU A 505 -18.94 -6.59 -9.73
C GLU A 505 -18.27 -6.20 -11.06
N PHE A 506 -16.98 -6.51 -11.20
CA PHE A 506 -16.23 -6.24 -12.43
C PHE A 506 -16.78 -6.94 -13.68
N SER A 507 -17.32 -8.15 -13.51
CA SER A 507 -17.87 -8.92 -14.64
C SER A 507 -19.11 -8.28 -15.28
N SER A 508 -19.85 -7.48 -14.50
CA SER A 508 -20.99 -6.72 -15.03
C SER A 508 -20.64 -5.49 -15.89
N LEU A 509 -19.34 -5.17 -16.02
CA LEU A 509 -18.86 -4.08 -16.87
C LEU A 509 -18.42 -4.52 -18.27
N GLU A 510 -18.49 -5.83 -18.56
CA GLU A 510 -18.03 -6.37 -19.85
C GLU A 510 -18.96 -6.02 -21.02
N GLN A 511 -20.27 -5.95 -20.77
CA GLN A 511 -21.25 -5.57 -21.79
C GLN A 511 -22.17 -4.45 -21.27
N TYR A 512 -22.19 -3.33 -22.00
CA TYR A 512 -22.86 -2.10 -21.57
C TYR A 512 -24.39 -2.22 -21.61
N GLY A 513 -25.03 -1.82 -20.50
CA GLY A 513 -26.49 -1.65 -20.45
C GLY A 513 -27.21 -2.80 -19.76
N VAL A 514 -26.89 -3.01 -18.48
CA VAL A 514 -27.44 -4.13 -17.70
C VAL A 514 -28.80 -3.83 -17.05
N LEU A 515 -29.20 -2.55 -17.01
CA LEU A 515 -30.46 -2.14 -16.36
C LEU A 515 -31.58 -2.07 -17.41
N ASN A 516 -32.14 -3.25 -17.72
CA ASN A 516 -33.20 -3.38 -18.75
C ASN A 516 -34.60 -3.64 -18.16
N GLU A 517 -34.76 -3.42 -16.85
CA GLU A 517 -36.06 -3.26 -16.21
C GLU A 517 -36.13 -1.83 -15.66
N SER A 518 -37.34 -1.29 -15.54
CA SER A 518 -37.52 0.05 -14.97
C SER A 518 -37.23 0.01 -13.46
N ILE A 519 -36.58 1.06 -12.96
CA ILE A 519 -36.12 1.14 -11.57
C ILE A 519 -36.63 2.41 -10.91
N MET A 520 -37.04 2.28 -9.66
CA MET A 520 -37.44 3.43 -8.84
C MET A 520 -36.23 3.95 -8.04
N VAL A 521 -35.66 5.07 -8.51
CA VAL A 521 -34.54 5.72 -7.82
C VAL A 521 -35.03 6.43 -6.55
N THR A 522 -34.10 6.91 -5.74
CA THR A 522 -34.44 7.61 -4.49
C THR A 522 -35.18 8.93 -4.76
N GLY A 523 -36.23 9.17 -3.97
CA GLY A 523 -36.97 10.43 -4.02
C GLY A 523 -36.39 11.54 -3.16
N GLN A 524 -35.45 11.20 -2.27
CA GLN A 524 -34.76 12.17 -1.41
C GLN A 524 -33.24 12.09 -1.67
N PRO A 525 -32.77 12.63 -2.81
CA PRO A 525 -31.37 12.49 -3.17
C PRO A 525 -30.50 13.49 -2.43
N LYS A 526 -29.55 12.97 -1.65
CA LYS A 526 -28.65 13.80 -0.83
C LYS A 526 -27.23 13.79 -1.43
N PRO A 527 -26.35 14.71 -0.98
CA PRO A 527 -24.95 14.65 -1.43
C PRO A 527 -24.23 13.41 -0.90
N ILE A 528 -23.58 12.68 -1.80
CA ILE A 528 -22.89 11.43 -1.43
C ILE A 528 -21.57 11.65 -0.67
N PHE A 529 -21.01 12.87 -0.76
CA PHE A 529 -19.74 13.20 -0.11
C PHE A 529 -19.91 14.19 1.04
N PRO A 530 -19.31 13.89 2.23
CA PRO A 530 -19.21 14.90 3.31
C PRO A 530 -18.55 16.21 2.87
#